data_6M6Q
#
_entry.id   6M6Q
#
_cell.length_a   93.180
_cell.length_b   93.180
_cell.length_c   215.958
_cell.angle_alpha   90.00
_cell.angle_beta   90.00
_cell.angle_gamma   90.00
#
_symmetry.space_group_name_H-M   'P 41 21 2'
#
loop_
_entity.id
_entity.type
_entity.pdbx_description
1 polymer 'Dicer Related Helicase'
2 water water
#
_entity_poly.entity_id   1
_entity_poly.type   'polypeptide(L)'
_entity_poly.pdbx_seq_one_letter_code
;MQPTAIRLEDYDKSKLRLPFESPYFPAYFRLLKWKFLDVCVESTRNNDIGYFKLFESLFPPGKLEEIARMIIDEPTPVSH
DPDMIKIRNADLDVKIRKQAETYVTLRHAHQQKVQRRRFSECFLNTVLFDEKGLRIADEVMFNYDKELYGYSHWEDLPDG
WLTAETFKNKFYDEEEVTNNPFGYQKLDRVAGAARGMIIMKHLKSNPRCVSETTILAFEVFNKGNHQLSTDLVEDLLTEG
PAFELKIENGEEKKYAVKKWSLHKTLTMFLAIIGFKSNDKKEKNEHEEWYYGFIDAMKNDPANRAALYFLDKNWPEELEE
REKERDRIRLTLLKS
;
_entity_poly.pdbx_strand_id   A,B
#
# COMPACT_ATOMS: atom_id res chain seq x y z
N THR A 4 13.43 -16.72 -38.15
CA THR A 4 14.40 -16.99 -37.05
C THR A 4 14.24 -15.90 -35.96
N ALA A 5 14.41 -16.30 -34.68
CA ALA A 5 14.00 -15.54 -33.47
C ALA A 5 14.85 -14.27 -33.33
N ILE A 6 14.19 -13.10 -33.21
CA ILE A 6 14.84 -11.77 -33.05
C ILE A 6 15.05 -11.53 -31.56
N ARG A 7 16.19 -11.94 -31.02
CA ARG A 7 16.50 -11.90 -29.57
C ARG A 7 16.56 -10.44 -29.10
N LEU A 8 16.24 -10.18 -27.83
CA LEU A 8 16.28 -8.84 -27.24
C LEU A 8 17.72 -8.33 -27.20
N GLU A 9 18.69 -9.21 -26.87
CA GLU A 9 20.14 -8.87 -26.76
C GLU A 9 20.63 -8.24 -28.06
N ASP A 10 20.03 -8.65 -29.19
CA ASP A 10 20.44 -8.28 -30.57
C ASP A 10 19.89 -6.88 -30.91
N TYR A 11 18.67 -6.53 -30.44
CA TYR A 11 17.92 -5.29 -30.77
C TYR A 11 18.78 -4.04 -30.48
N ASP A 12 18.47 -2.92 -31.14
CA ASP A 12 19.24 -1.64 -31.09
C ASP A 12 19.20 -1.05 -29.67
N LYS A 13 18.06 -0.44 -29.29
CA LYS A 13 17.79 0.14 -27.93
C LYS A 13 18.56 1.45 -27.71
N SER A 14 19.07 2.08 -28.76
CA SER A 14 19.91 3.31 -28.65
C SER A 14 19.02 4.55 -28.66
N LYS A 15 17.77 4.42 -29.13
CA LYS A 15 16.83 5.56 -29.29
C LYS A 15 15.99 5.72 -28.00
N LEU A 16 16.09 4.76 -27.06
CA LEU A 16 15.29 4.74 -25.79
C LEU A 16 15.85 5.79 -24.82
N ARG A 17 15.04 6.77 -24.45
CA ARG A 17 15.39 7.84 -23.46
C ARG A 17 15.04 7.35 -22.05
N LEU A 18 14.31 6.22 -21.95
CA LEU A 18 13.91 5.57 -20.68
C LEU A 18 14.20 4.08 -20.76
N PRO A 19 15.48 3.66 -20.70
CA PRO A 19 15.82 2.23 -20.79
C PRO A 19 15.49 1.51 -19.46
N PHE A 20 15.56 0.17 -19.46
CA PHE A 20 15.30 -0.69 -18.28
C PHE A 20 16.09 -0.18 -17.06
N GLU A 21 17.35 0.23 -17.30
CA GLU A 21 18.36 0.58 -16.25
C GLU A 21 18.05 1.94 -15.63
N SER A 22 17.13 2.71 -16.22
CA SER A 22 16.72 4.04 -15.71
C SER A 22 15.98 3.87 -14.39
N PRO A 23 16.28 4.71 -13.37
CA PRO A 23 15.53 4.70 -12.13
C PRO A 23 14.03 4.88 -12.31
N TYR A 24 13.60 5.65 -13.32
CA TYR A 24 12.17 6.08 -13.50
C TYR A 24 11.40 5.08 -14.40
N PHE A 25 12.04 4.00 -14.84
CA PHE A 25 11.39 3.00 -15.74
C PHE A 25 10.41 2.09 -14.99
N PRO A 26 10.76 1.39 -13.89
CA PRO A 26 9.85 0.38 -13.32
C PRO A 26 8.41 0.88 -13.12
N ALA A 27 8.24 2.06 -12.52
CA ALA A 27 6.93 2.68 -12.20
C ALA A 27 6.21 3.03 -13.49
N TYR A 28 6.92 3.58 -14.46
CA TYR A 28 6.35 3.98 -15.76
C TYR A 28 5.82 2.73 -16.48
N PHE A 29 6.59 1.65 -16.49
CA PHE A 29 6.20 0.35 -17.10
C PHE A 29 4.90 -0.15 -16.46
N ARG A 30 4.76 0.00 -15.14
CA ARG A 30 3.64 -0.58 -14.35
C ARG A 30 2.34 0.22 -14.57
N LEU A 31 2.38 1.28 -15.39
CA LEU A 31 1.14 1.93 -15.89
C LEU A 31 0.52 1.03 -16.98
N LEU A 32 1.32 0.14 -17.58
CA LEU A 32 0.84 -0.89 -18.55
C LEU A 32 0.56 -2.21 -17.84
N LYS A 33 0.43 -2.22 -16.52
CA LYS A 33 0.33 -3.50 -15.74
C LYS A 33 -0.97 -4.22 -16.14
N TRP A 34 -2.06 -3.50 -16.40
CA TRP A 34 -3.36 -4.12 -16.80
C TRP A 34 -3.27 -4.64 -18.24
N LYS A 35 -2.46 -4.01 -19.09
CA LYS A 35 -2.26 -4.46 -20.50
C LYS A 35 -1.35 -5.70 -20.49
N PHE A 36 -0.42 -5.78 -19.55
CA PHE A 36 0.55 -6.90 -19.43
C PHE A 36 -0.18 -8.14 -18.91
N LEU A 37 -1.14 -7.96 -18.00
CA LEU A 37 -2.03 -9.07 -17.54
C LEU A 37 -2.81 -9.57 -18.75
N ASP A 38 -3.37 -8.64 -19.53
CA ASP A 38 -4.21 -8.91 -20.74
C ASP A 38 -3.42 -9.78 -21.73
N VAL A 39 -2.11 -9.50 -21.89
CA VAL A 39 -1.18 -10.19 -22.83
C VAL A 39 -0.97 -11.64 -22.35
N CYS A 40 -0.75 -11.82 -21.06
CA CYS A 40 -0.51 -13.16 -20.45
C CYS A 40 -1.78 -14.00 -20.55
N VAL A 41 -2.97 -13.38 -20.48
CA VAL A 41 -4.27 -14.09 -20.51
C VAL A 41 -4.58 -14.47 -21.98
N GLU A 42 -4.24 -13.60 -22.94
CA GLU A 42 -4.33 -13.86 -24.42
C GLU A 42 -3.60 -15.16 -24.76
N SER A 43 -2.45 -15.43 -24.12
CA SER A 43 -1.49 -16.50 -24.46
C SER A 43 -1.99 -17.88 -23.98
N THR A 44 -2.92 -17.92 -23.03
CA THR A 44 -3.50 -19.20 -22.50
C THR A 44 -4.32 -19.87 -23.62
N ARG A 45 -3.82 -21.00 -24.16
CA ARG A 45 -4.35 -21.62 -25.42
C ARG A 45 -5.09 -22.94 -25.11
N ASN A 46 -4.37 -24.08 -25.06
CA ASN A 46 -4.98 -25.45 -24.89
C ASN A 46 -5.00 -25.83 -23.39
N ASN A 47 -5.96 -25.25 -22.66
CA ASN A 47 -6.22 -25.52 -21.23
C ASN A 47 -4.90 -25.47 -20.46
N ASP A 48 -3.96 -24.60 -20.85
CA ASP A 48 -2.70 -24.39 -20.12
C ASP A 48 -2.37 -22.90 -19.99
N ILE A 49 -1.42 -22.59 -19.10
CA ILE A 49 -1.26 -21.27 -18.40
C ILE A 49 -0.52 -20.29 -19.34
N GLY A 50 -0.07 -20.76 -20.51
CA GLY A 50 0.63 -19.92 -21.51
C GLY A 50 1.86 -19.22 -20.92
N TYR A 51 1.93 -17.89 -21.07
CA TYR A 51 3.12 -17.06 -20.74
C TYR A 51 3.35 -17.00 -19.23
N PHE A 52 2.33 -17.33 -18.43
CA PHE A 52 2.40 -17.26 -16.96
C PHE A 52 3.57 -18.12 -16.47
N LYS A 53 3.82 -19.26 -17.14
CA LYS A 53 4.83 -20.28 -16.73
C LYS A 53 6.24 -19.65 -16.70
N LEU A 54 6.48 -18.60 -17.49
CA LEU A 54 7.80 -17.91 -17.58
C LEU A 54 8.15 -17.23 -16.24
N PHE A 55 7.22 -17.20 -15.26
CA PHE A 55 7.38 -16.48 -13.96
C PHE A 55 7.42 -17.47 -12.79
N GLU A 56 7.49 -18.77 -13.11
CA GLU A 56 7.44 -19.91 -12.14
C GLU A 56 8.43 -19.69 -10.99
N SER A 57 9.65 -19.22 -11.31
CA SER A 57 10.81 -19.20 -10.39
C SER A 57 10.60 -18.17 -9.28
N LEU A 58 9.69 -17.21 -9.49
CA LEU A 58 9.47 -16.04 -8.61
C LEU A 58 8.46 -16.37 -7.51
N PHE A 59 7.88 -17.58 -7.52
CA PHE A 59 6.95 -18.08 -6.49
C PHE A 59 7.47 -19.40 -5.96
N PRO A 60 6.91 -19.90 -4.85
CA PRO A 60 7.29 -21.22 -4.34
C PRO A 60 6.76 -22.29 -5.29
N PRO A 61 7.41 -23.46 -5.37
CA PRO A 61 7.03 -24.50 -6.33
C PRO A 61 5.52 -24.83 -6.32
N GLY A 62 4.87 -24.66 -7.47
CA GLY A 62 3.44 -24.96 -7.64
C GLY A 62 2.60 -23.71 -7.56
N LYS A 63 2.99 -22.76 -6.70
CA LYS A 63 2.23 -21.51 -6.41
C LYS A 63 1.83 -20.84 -7.73
N LEU A 64 2.78 -20.68 -8.66
CA LEU A 64 2.49 -20.02 -9.95
C LEU A 64 1.32 -20.76 -10.64
N GLU A 65 1.34 -22.09 -10.63
CA GLU A 65 0.28 -22.93 -11.28
C GLU A 65 -1.09 -22.57 -10.68
N GLU A 66 -1.20 -22.54 -9.34
CA GLU A 66 -2.47 -22.24 -8.63
C GLU A 66 -2.96 -20.84 -9.05
N ILE A 67 -2.09 -19.84 -8.97
CA ILE A 67 -2.44 -18.41 -9.16
C ILE A 67 -2.97 -18.22 -10.58
N ALA A 68 -2.19 -18.65 -11.57
CA ALA A 68 -2.57 -18.61 -13.01
C ALA A 68 -3.95 -19.24 -13.19
N ARG A 69 -4.16 -20.46 -12.68
CA ARG A 69 -5.48 -21.14 -12.75
C ARG A 69 -6.56 -20.18 -12.24
N MET A 70 -6.45 -19.81 -10.98
CA MET A 70 -7.48 -19.01 -10.27
C MET A 70 -7.87 -17.81 -11.13
N ILE A 71 -6.99 -17.38 -12.05
CA ILE A 71 -7.19 -16.18 -12.91
C ILE A 71 -7.98 -16.57 -14.17
N ILE A 72 -7.64 -17.69 -14.81
CA ILE A 72 -8.15 -18.07 -16.18
C ILE A 72 -9.22 -19.17 -16.10
N ASP A 73 -9.18 -20.06 -15.08
CA ASP A 73 -10.05 -21.27 -14.96
C ASP A 73 -11.52 -20.87 -15.07
N GLU A 74 -12.35 -21.81 -15.51
CA GLU A 74 -13.84 -21.70 -15.46
C GLU A 74 -14.31 -21.85 -14.02
N PRO A 75 -15.30 -21.03 -13.59
CA PRO A 75 -15.84 -21.14 -12.24
C PRO A 75 -16.52 -22.49 -11.93
N THR A 76 -16.56 -22.87 -10.64
CA THR A 76 -17.30 -24.04 -10.10
C THR A 76 -18.79 -23.85 -10.41
N PRO A 77 -19.50 -24.87 -10.95
CA PRO A 77 -20.89 -24.70 -11.36
C PRO A 77 -21.79 -24.29 -10.18
N VAL A 78 -22.55 -23.21 -10.37
CA VAL A 78 -23.46 -22.63 -9.33
C VAL A 78 -24.57 -23.65 -8.96
N SER A 79 -24.82 -24.64 -9.83
CA SER A 79 -25.77 -25.77 -9.60
C SER A 79 -25.29 -26.64 -8.43
N HIS A 80 -24.09 -26.38 -7.90
CA HIS A 80 -23.48 -27.17 -6.80
C HIS A 80 -23.17 -26.28 -5.60
N ASP A 81 -23.58 -25.00 -5.60
CA ASP A 81 -23.50 -24.12 -4.39
C ASP A 81 -24.38 -24.69 -3.28
N PRO A 82 -23.90 -24.82 -2.03
CA PRO A 82 -24.68 -25.44 -0.97
C PRO A 82 -26.05 -24.79 -0.71
N ASP A 83 -26.14 -23.45 -0.81
CA ASP A 83 -27.42 -22.69 -0.65
C ASP A 83 -28.37 -23.02 -1.81
N MET A 84 -27.88 -23.03 -3.04
CA MET A 84 -28.65 -23.45 -4.24
C MET A 84 -29.27 -24.83 -4.00
N ILE A 85 -28.48 -25.77 -3.51
CA ILE A 85 -28.93 -27.18 -3.26
C ILE A 85 -30.10 -27.16 -2.27
N LYS A 86 -30.05 -26.26 -1.28
CA LYS A 86 -31.08 -26.14 -0.22
C LYS A 86 -32.36 -25.50 -0.76
N ILE A 87 -32.22 -24.52 -1.66
CA ILE A 87 -33.35 -23.86 -2.37
C ILE A 87 -34.15 -24.93 -3.13
N ARG A 88 -33.48 -25.81 -3.89
CA ARG A 88 -34.14 -26.84 -4.76
C ARG A 88 -34.82 -27.88 -3.88
N ASN A 89 -34.31 -28.08 -2.67
CA ASN A 89 -34.81 -29.11 -1.72
C ASN A 89 -35.95 -28.54 -0.86
N ALA A 90 -36.10 -27.21 -0.78
CA ALA A 90 -37.05 -26.53 0.14
C ALA A 90 -38.48 -26.63 -0.41
N ASP A 91 -38.64 -26.82 -1.73
CA ASP A 91 -39.95 -27.04 -2.44
C ASP A 91 -40.78 -25.76 -2.35
N LEU A 92 -40.19 -24.65 -2.75
CA LEU A 92 -40.80 -23.31 -2.71
C LEU A 92 -41.73 -23.17 -3.91
N ASP A 93 -42.69 -22.24 -3.85
CA ASP A 93 -43.38 -21.66 -5.02
C ASP A 93 -42.36 -21.33 -6.12
N VAL A 94 -42.63 -21.72 -7.37
CA VAL A 94 -41.76 -21.50 -8.57
C VAL A 94 -41.20 -20.06 -8.55
N LYS A 95 -42.06 -19.05 -8.36
CA LYS A 95 -41.68 -17.62 -8.49
C LYS A 95 -40.73 -17.23 -7.35
N ILE A 96 -40.96 -17.72 -6.13
CA ILE A 96 -40.05 -17.49 -4.95
C ILE A 96 -38.72 -18.25 -5.19
N ARG A 97 -38.76 -19.50 -5.62
CA ARG A 97 -37.55 -20.30 -5.97
C ARG A 97 -36.65 -19.51 -6.91
N LYS A 98 -37.16 -19.08 -8.06
CA LYS A 98 -36.35 -18.43 -9.13
C LYS A 98 -35.76 -17.12 -8.59
N GLN A 99 -36.49 -16.38 -7.78
CA GLN A 99 -36.00 -15.10 -7.19
C GLN A 99 -34.86 -15.42 -6.21
N ALA A 100 -35.02 -16.44 -5.37
CA ALA A 100 -33.95 -16.89 -4.43
C ALA A 100 -32.72 -17.27 -5.25
N GLU A 101 -32.93 -18.06 -6.29
CA GLU A 101 -31.85 -18.60 -7.14
C GLU A 101 -31.05 -17.44 -7.74
N THR A 102 -31.68 -16.29 -8.01
CA THR A 102 -30.98 -15.14 -8.65
C THR A 102 -30.09 -14.47 -7.61
N TYR A 103 -30.51 -14.41 -6.34
CA TYR A 103 -29.67 -13.84 -5.23
C TYR A 103 -28.41 -14.68 -5.07
N VAL A 104 -28.52 -16.01 -5.18
CA VAL A 104 -27.36 -16.93 -5.08
C VAL A 104 -26.45 -16.75 -6.31
N THR A 105 -27.03 -16.67 -7.52
CA THR A 105 -26.33 -16.47 -8.82
C THR A 105 -25.49 -15.19 -8.75
N LEU A 106 -26.07 -14.09 -8.26
CA LEU A 106 -25.41 -12.76 -8.28
C LEU A 106 -24.16 -12.78 -7.37
N ARG A 107 -24.24 -13.37 -6.19
CA ARG A 107 -23.09 -13.41 -5.26
C ARG A 107 -22.10 -14.48 -5.74
N HIS A 108 -22.54 -15.51 -6.46
CA HIS A 108 -21.61 -16.52 -7.05
C HIS A 108 -20.70 -15.82 -8.05
N ALA A 109 -21.25 -14.96 -8.88
CA ALA A 109 -20.50 -14.19 -9.89
C ALA A 109 -19.56 -13.20 -9.18
N HIS A 110 -20.09 -12.42 -8.24
CA HIS A 110 -19.32 -11.38 -7.51
C HIS A 110 -18.13 -12.03 -6.78
N GLN A 111 -18.34 -13.19 -6.14
CA GLN A 111 -17.28 -13.91 -5.40
C GLN A 111 -16.17 -14.30 -6.39
N GLN A 112 -16.56 -14.64 -7.62
CA GLN A 112 -15.64 -15.13 -8.68
C GLN A 112 -14.87 -13.94 -9.26
N LYS A 113 -15.49 -12.77 -9.35
CA LYS A 113 -14.86 -11.50 -9.80
C LYS A 113 -13.78 -11.09 -8.79
N VAL A 114 -14.07 -11.30 -7.52
CA VAL A 114 -13.22 -10.96 -6.35
C VAL A 114 -12.01 -11.91 -6.32
N GLN A 115 -12.22 -13.20 -6.56
CA GLN A 115 -11.12 -14.22 -6.63
C GLN A 115 -10.20 -13.95 -7.83
N ARG A 116 -10.78 -13.70 -9.00
CA ARG A 116 -10.03 -13.37 -10.24
C ARG A 116 -9.15 -12.15 -9.96
N ARG A 117 -9.75 -11.09 -9.42
CA ARG A 117 -9.06 -9.81 -9.10
C ARG A 117 -7.95 -10.07 -8.07
N ARG A 118 -8.24 -10.81 -7.02
CA ARG A 118 -7.30 -11.04 -5.90
C ARG A 118 -6.04 -11.71 -6.46
N PHE A 119 -6.20 -12.80 -7.21
CA PHE A 119 -5.08 -13.65 -7.70
C PHE A 119 -4.36 -12.93 -8.84
N SER A 120 -5.06 -12.11 -9.63
CA SER A 120 -4.46 -11.23 -10.66
C SER A 120 -3.50 -10.24 -9.98
N GLU A 121 -3.97 -9.56 -8.93
CA GLU A 121 -3.20 -8.59 -8.11
C GLU A 121 -2.00 -9.28 -7.44
N CYS A 122 -2.17 -10.52 -7.01
CA CYS A 122 -1.09 -11.32 -6.38
C CYS A 122 0.01 -11.61 -7.42
N PHE A 123 -0.34 -11.86 -8.68
CA PHE A 123 0.63 -12.13 -9.77
C PHE A 123 1.40 -10.84 -10.07
N LEU A 124 0.69 -9.75 -10.40
CA LEU A 124 1.26 -8.46 -10.83
C LEU A 124 2.20 -7.91 -9.73
N ASN A 125 1.80 -7.99 -8.46
CA ASN A 125 2.54 -7.41 -7.30
C ASN A 125 3.84 -8.18 -7.07
N THR A 126 3.87 -9.48 -7.36
CA THR A 126 5.05 -10.35 -7.13
C THR A 126 6.07 -10.12 -8.25
N VAL A 127 5.62 -10.07 -9.51
CA VAL A 127 6.52 -10.15 -10.70
C VAL A 127 6.98 -8.73 -11.11
N LEU A 128 6.20 -7.68 -10.87
CA LEU A 128 6.49 -6.34 -11.46
C LEU A 128 7.24 -5.44 -10.46
N PHE A 129 7.47 -5.87 -9.21
CA PHE A 129 8.20 -5.04 -8.20
C PHE A 129 9.52 -5.74 -7.82
N ASP A 130 9.95 -6.71 -8.63
CA ASP A 130 11.23 -7.47 -8.51
C ASP A 130 11.99 -7.34 -9.83
N GLU A 131 13.32 -7.15 -9.78
CA GLU A 131 14.16 -6.90 -10.96
C GLU A 131 14.03 -8.07 -11.94
N LYS A 132 14.29 -9.30 -11.50
CA LYS A 132 14.24 -10.51 -12.37
CA LYS A 132 14.23 -10.52 -12.36
C LYS A 132 12.83 -10.60 -13.00
N GLY A 133 11.81 -10.42 -12.18
CA GLY A 133 10.43 -10.43 -12.66
C GLY A 133 10.28 -9.42 -13.79
N LEU A 134 10.86 -8.23 -13.63
CA LEU A 134 10.69 -7.13 -14.60
C LEU A 134 11.43 -7.45 -15.90
N ARG A 135 12.54 -8.17 -15.81
CA ARG A 135 13.33 -8.61 -17.00
C ARG A 135 12.43 -9.48 -17.87
N ILE A 136 11.86 -10.51 -17.27
CA ILE A 136 10.97 -11.49 -17.96
C ILE A 136 9.80 -10.72 -18.60
N ALA A 137 9.25 -9.77 -17.86
CA ALA A 137 8.08 -8.96 -18.28
C ALA A 137 8.47 -8.09 -19.48
N ASP A 138 9.68 -7.52 -19.46
CA ASP A 138 10.17 -6.60 -20.53
C ASP A 138 10.16 -7.38 -21.87
N GLU A 139 10.73 -8.58 -21.86
CA GLU A 139 10.87 -9.47 -23.03
C GLU A 139 9.49 -9.96 -23.49
N VAL A 140 8.53 -10.11 -22.59
CA VAL A 140 7.15 -10.55 -22.95
C VAL A 140 6.53 -9.49 -23.87
N MET A 141 6.64 -8.21 -23.50
CA MET A 141 6.08 -7.07 -24.28
C MET A 141 6.84 -6.93 -25.61
N PHE A 142 8.16 -7.13 -25.59
CA PHE A 142 9.04 -7.02 -26.79
C PHE A 142 8.58 -8.05 -27.84
N ASN A 143 8.34 -9.28 -27.40
CA ASN A 143 7.92 -10.42 -28.26
C ASN A 143 6.45 -10.23 -28.70
N TYR A 144 5.64 -9.50 -27.93
CA TYR A 144 4.20 -9.26 -28.23
C TYR A 144 4.07 -8.11 -29.24
N ASP A 145 4.62 -6.94 -28.94
CA ASP A 145 4.54 -5.74 -29.81
C ASP A 145 5.74 -4.83 -29.59
N LYS A 146 6.54 -4.64 -30.65
CA LYS A 146 7.80 -3.86 -30.65
C LYS A 146 7.48 -2.38 -30.37
N GLU A 147 6.38 -1.86 -30.94
CA GLU A 147 5.97 -0.43 -30.80
C GLU A 147 5.66 -0.15 -29.33
N LEU A 148 4.86 -1.03 -28.71
CA LEU A 148 4.42 -0.88 -27.30
C LEU A 148 5.65 -0.99 -26.38
N TYR A 149 6.56 -1.93 -26.67
CA TYR A 149 7.88 -2.08 -25.99
C TYR A 149 8.58 -0.73 -26.00
N GLY A 150 8.69 -0.13 -27.18
CA GLY A 150 9.36 1.17 -27.38
C GLY A 150 8.68 2.28 -26.61
N TYR A 151 7.35 2.29 -26.59
CA TYR A 151 6.52 3.34 -25.95
C TYR A 151 6.79 3.33 -24.44
N SER A 152 7.01 2.13 -23.87
CA SER A 152 7.29 1.93 -22.42
C SER A 152 8.71 2.39 -22.10
N HIS A 153 9.55 2.57 -23.13
CA HIS A 153 10.97 2.96 -23.00
C HIS A 153 11.25 4.37 -23.59
N TRP A 154 10.21 5.09 -24.04
CA TRP A 154 10.30 6.42 -24.72
C TRP A 154 11.19 6.33 -25.99
N GLU A 155 10.91 5.40 -26.91
CA GLU A 155 11.66 5.26 -28.20
C GLU A 155 11.44 6.51 -29.08
N ASP A 156 12.52 7.07 -29.61
CA ASP A 156 12.55 8.20 -30.59
C ASP A 156 11.92 9.44 -29.96
N LEU A 157 12.21 9.68 -28.68
CA LEU A 157 11.75 10.88 -27.92
C LEU A 157 12.88 11.92 -27.91
N PRO A 158 12.58 13.23 -28.10
CA PRO A 158 13.59 14.28 -28.07
C PRO A 158 14.49 14.28 -26.83
N ASP A 159 15.72 14.80 -26.99
CA ASP A 159 16.80 14.76 -25.96
C ASP A 159 16.51 15.81 -24.89
N GLY A 160 16.01 16.98 -25.28
CA GLY A 160 15.82 18.13 -24.38
C GLY A 160 14.38 18.27 -23.90
N TRP A 161 13.62 17.17 -23.97
CA TRP A 161 12.16 17.11 -23.68
C TRP A 161 11.89 17.54 -22.23
N LEU A 162 10.98 18.51 -22.06
CA LEU A 162 10.76 19.20 -20.77
C LEU A 162 9.62 18.53 -19.98
N THR A 163 8.59 17.98 -20.65
CA THR A 163 7.48 17.26 -19.97
C THR A 163 8.04 16.01 -19.29
N ALA A 164 9.08 15.42 -19.88
CA ALA A 164 9.83 14.26 -19.34
C ALA A 164 10.48 14.64 -18.00
N GLU A 165 11.10 15.82 -17.91
CA GLU A 165 11.82 16.32 -16.69
CA GLU A 165 11.82 16.32 -16.69
C GLU A 165 10.79 16.69 -15.60
N THR A 166 9.67 17.29 -16.00
CA THR A 166 8.60 17.66 -15.05
C THR A 166 7.98 16.37 -14.46
N PHE A 167 7.67 15.39 -15.32
CA PHE A 167 7.00 14.10 -14.95
C PHE A 167 7.81 13.39 -13.87
N LYS A 168 9.13 13.24 -14.05
CA LYS A 168 10.00 12.49 -13.11
C LYS A 168 10.27 13.32 -11.82
N ASN A 169 9.99 14.63 -11.85
CA ASN A 169 10.22 15.54 -10.70
C ASN A 169 9.01 15.52 -9.77
N LYS A 170 7.81 15.28 -10.30
CA LYS A 170 6.53 15.45 -9.56
C LYS A 170 5.90 14.08 -9.20
N PHE A 171 6.18 13.01 -9.96
CA PHE A 171 5.54 11.68 -9.77
C PHE A 171 6.51 10.69 -9.08
N TYR A 172 7.74 11.12 -8.76
CA TYR A 172 8.72 10.28 -8.02
C TYR A 172 9.31 11.09 -6.85
N ASP A 173 9.59 10.41 -5.74
CA ASP A 173 10.43 10.92 -4.62
C ASP A 173 11.88 10.50 -4.88
N GLU A 174 12.81 11.46 -4.85
CA GLU A 174 14.28 11.27 -5.09
C GLU A 174 14.82 10.08 -4.27
N GLU A 175 14.53 9.99 -2.96
CA GLU A 175 15.15 8.96 -2.07
C GLU A 175 14.54 7.58 -2.36
N GLU A 176 13.21 7.51 -2.45
CA GLU A 176 12.45 6.26 -2.69
C GLU A 176 12.89 5.65 -4.03
N VAL A 177 13.08 6.47 -5.06
CA VAL A 177 13.38 5.99 -6.44
C VAL A 177 14.86 5.61 -6.53
N THR A 178 15.75 6.25 -5.75
CA THR A 178 17.21 5.96 -5.82
C THR A 178 17.49 4.66 -5.06
N ASN A 179 16.81 4.45 -3.92
CA ASN A 179 17.01 3.30 -3.01
C ASN A 179 16.61 2.00 -3.72
N ASN A 180 15.40 1.93 -4.27
CA ASN A 180 14.92 0.75 -5.03
C ASN A 180 14.02 1.23 -6.14
N PRO A 181 14.52 1.39 -7.39
CA PRO A 181 13.67 1.80 -8.51
C PRO A 181 12.47 0.86 -8.73
N PHE A 182 12.66 -0.43 -8.46
CA PHE A 182 11.67 -1.52 -8.72
C PHE A 182 10.54 -1.46 -7.68
N GLY A 183 10.77 -0.85 -6.51
CA GLY A 183 9.81 -0.74 -5.39
C GLY A 183 8.70 0.26 -5.71
N TYR A 184 7.67 0.35 -4.85
CA TYR A 184 6.52 1.29 -4.96
C TYR A 184 7.05 2.72 -5.05
N GLN A 185 6.51 3.53 -5.96
CA GLN A 185 6.83 4.98 -6.11
C GLN A 185 5.54 5.78 -6.02
N LYS A 186 5.64 7.09 -5.80
CA LYS A 186 4.47 8.01 -5.75
C LYS A 186 3.56 7.70 -6.93
N LEU A 187 4.13 7.58 -8.14
CA LEU A 187 3.38 7.32 -9.41
C LEU A 187 2.45 6.10 -9.23
N ASP A 188 2.96 5.00 -8.69
CA ASP A 188 2.18 3.75 -8.53
C ASP A 188 0.96 4.03 -7.64
N ARG A 189 1.15 4.84 -6.58
CA ARG A 189 0.11 5.15 -5.55
C ARG A 189 -0.94 6.09 -6.15
N VAL A 190 -0.49 7.16 -6.82
CA VAL A 190 -1.37 8.23 -7.35
C VAL A 190 -2.25 7.66 -8.46
N ALA A 191 -1.62 7.04 -9.47
CA ALA A 191 -2.29 6.45 -10.66
C ALA A 191 -3.29 5.37 -10.23
N GLY A 192 -2.96 4.61 -9.19
CA GLY A 192 -3.82 3.53 -8.66
C GLY A 192 -5.06 4.06 -7.93
N ALA A 193 -4.94 5.17 -7.20
CA ALA A 193 -6.01 5.76 -6.36
C ALA A 193 -6.89 6.69 -7.22
N ALA A 194 -6.33 7.27 -8.27
CA ALA A 194 -7.00 8.26 -9.16
C ALA A 194 -8.26 7.65 -9.79
N ARG A 195 -9.29 8.48 -10.00
CA ARG A 195 -10.52 8.13 -10.74
C ARG A 195 -10.51 8.87 -12.08
N GLY A 196 -10.00 8.21 -13.13
CA GLY A 196 -9.69 8.81 -14.46
C GLY A 196 -10.84 9.60 -15.06
N MET A 197 -12.05 9.02 -15.10
CA MET A 197 -13.21 9.59 -15.83
C MET A 197 -13.46 11.04 -15.41
N ILE A 198 -13.29 11.35 -14.12
CA ILE A 198 -13.57 12.70 -13.53
C ILE A 198 -12.44 13.67 -13.94
N ILE A 199 -11.19 13.22 -13.94
CA ILE A 199 -9.99 14.07 -14.25
C ILE A 199 -10.09 14.53 -15.72
N MET A 200 -10.51 13.62 -16.62
CA MET A 200 -10.70 13.91 -18.06
C MET A 200 -11.78 15.00 -18.22
N LYS A 201 -12.86 14.92 -17.44
CA LYS A 201 -14.03 15.83 -17.54
C LYS A 201 -13.62 17.27 -17.20
N HIS A 202 -12.76 17.46 -16.18
CA HIS A 202 -12.37 18.81 -15.68
C HIS A 202 -11.33 19.44 -16.62
N LEU A 203 -10.43 18.64 -17.18
CA LEU A 203 -9.38 19.12 -18.12
C LEU A 203 -10.03 19.55 -19.43
N LYS A 204 -11.12 18.87 -19.83
CA LYS A 204 -11.90 19.20 -21.05
C LYS A 204 -12.61 20.55 -20.85
N SER A 205 -12.85 20.95 -19.61
CA SER A 205 -13.49 22.24 -19.22
C SER A 205 -12.42 23.29 -18.87
N ASN A 206 -11.13 22.93 -18.94
CA ASN A 206 -9.99 23.79 -18.52
C ASN A 206 -9.41 24.44 -19.76
N PRO A 207 -9.46 25.78 -19.90
CA PRO A 207 -8.98 26.44 -21.12
C PRO A 207 -7.44 26.45 -21.23
N ARG A 208 -6.74 26.36 -20.10
CA ARG A 208 -5.25 26.37 -20.06
C ARG A 208 -4.73 25.06 -20.68
N CYS A 209 -5.44 23.96 -20.44
CA CYS A 209 -5.11 22.61 -20.93
C CYS A 209 -6.06 22.23 -22.06
N VAL A 210 -5.70 22.57 -23.30
CA VAL A 210 -6.52 22.25 -24.52
C VAL A 210 -5.73 21.33 -25.44
N SER A 211 -4.41 21.57 -25.61
CA SER A 211 -3.50 20.71 -26.43
C SER A 211 -3.35 19.34 -25.76
N GLU A 212 -3.26 19.34 -24.42
CA GLU A 212 -2.94 18.17 -23.57
C GLU A 212 -4.13 17.21 -23.56
N THR A 213 -5.36 17.73 -23.51
CA THR A 213 -6.60 16.89 -23.46
C THR A 213 -6.75 16.13 -24.78
N THR A 214 -6.37 16.74 -25.92
CA THR A 214 -6.51 16.14 -27.27
C THR A 214 -5.57 14.93 -27.37
N ILE A 215 -4.38 15.01 -26.77
CA ILE A 215 -3.41 13.88 -26.69
C ILE A 215 -4.00 12.78 -25.81
N LEU A 216 -4.58 13.14 -24.65
CA LEU A 216 -5.12 12.20 -23.64
C LEU A 216 -6.33 11.45 -24.23
N ALA A 217 -7.24 12.17 -24.90
CA ALA A 217 -8.45 11.61 -25.53
C ALA A 217 -8.06 10.63 -26.65
N PHE A 218 -6.94 10.83 -27.33
CA PHE A 218 -6.49 9.96 -28.44
C PHE A 218 -5.85 8.67 -27.89
N GLU A 219 -4.92 8.80 -26.93
CA GLU A 219 -4.09 7.67 -26.42
C GLU A 219 -4.97 6.71 -25.58
N VAL A 220 -6.15 7.16 -25.12
CA VAL A 220 -7.06 6.35 -24.25
C VAL A 220 -8.17 5.71 -25.11
N PHE A 221 -8.68 6.40 -26.13
CA PHE A 221 -9.86 5.93 -26.91
C PHE A 221 -9.47 5.44 -28.31
N ASN A 222 -8.45 6.00 -28.94
CA ASN A 222 -8.17 5.74 -30.38
C ASN A 222 -7.03 4.72 -30.53
N LYS A 223 -5.98 4.82 -29.69
CA LYS A 223 -4.74 4.00 -29.82
C LYS A 223 -5.04 2.54 -29.49
N GLY A 224 -4.85 1.65 -30.46
CA GLY A 224 -5.15 0.21 -30.38
C GLY A 224 -4.20 -0.52 -29.44
N ASN A 225 -2.95 -0.07 -29.35
CA ASN A 225 -1.87 -0.73 -28.54
C ASN A 225 -2.15 -0.51 -27.03
N HIS A 226 -2.88 0.56 -26.68
CA HIS A 226 -3.25 0.87 -25.28
C HIS A 226 -4.69 0.42 -25.01
N GLN A 227 -5.15 -0.61 -25.73
CA GLN A 227 -6.50 -1.20 -25.56
C GLN A 227 -6.35 -2.68 -25.22
N LEU A 228 -7.17 -3.18 -24.31
CA LEU A 228 -7.17 -4.59 -23.86
C LEU A 228 -7.86 -5.44 -24.93
N SER A 229 -7.34 -6.64 -25.19
CA SER A 229 -7.82 -7.55 -26.26
C SER A 229 -8.74 -8.63 -25.67
N THR A 230 -8.63 -8.88 -24.36
CA THR A 230 -9.34 -9.97 -23.64
C THR A 230 -10.59 -9.42 -22.94
N ASP A 231 -11.68 -10.19 -22.96
CA ASP A 231 -12.93 -9.89 -22.21
C ASP A 231 -12.64 -9.99 -20.71
N LEU A 232 -11.84 -10.98 -20.32
CA LEU A 232 -11.59 -11.39 -18.91
C LEU A 232 -11.03 -10.21 -18.11
N VAL A 233 -10.10 -9.45 -18.70
CA VAL A 233 -9.41 -8.32 -18.00
C VAL A 233 -10.27 -7.07 -18.12
N GLU A 234 -10.77 -6.74 -19.31
CA GLU A 234 -11.59 -5.51 -19.50
C GLU A 234 -12.81 -5.59 -18.59
N ASP A 235 -13.38 -6.80 -18.43
CA ASP A 235 -14.59 -7.03 -17.58
C ASP A 235 -14.21 -7.01 -16.10
N LEU A 236 -12.93 -7.23 -15.79
CA LEU A 236 -12.40 -7.26 -14.41
C LEU A 236 -12.17 -5.83 -13.91
N LEU A 237 -12.00 -4.87 -14.81
CA LEU A 237 -11.60 -3.48 -14.47
C LEU A 237 -12.75 -2.50 -14.73
N THR A 238 -13.91 -3.00 -15.16
CA THR A 238 -15.17 -2.23 -15.36
C THR A 238 -15.81 -1.92 -14.01
N GLU A 239 -16.16 -0.65 -13.77
CA GLU A 239 -16.82 -0.18 -12.52
C GLU A 239 -17.94 -1.15 -12.14
N LYS A 259 -18.70 3.71 -20.58
CA LYS A 259 -18.00 2.76 -19.65
C LYS A 259 -16.50 3.08 -19.58
N TRP A 260 -15.93 3.04 -18.36
CA TRP A 260 -14.51 3.38 -18.04
C TRP A 260 -13.85 2.17 -17.34
N SER A 261 -12.52 2.14 -17.26
CA SER A 261 -11.73 1.05 -16.61
C SER A 261 -10.51 1.60 -15.86
N LEU A 262 -9.94 0.78 -14.96
CA LEU A 262 -8.70 1.08 -14.20
C LEU A 262 -7.54 1.27 -15.18
N HIS A 263 -7.56 0.54 -16.30
CA HIS A 263 -6.54 0.57 -17.37
C HIS A 263 -6.58 1.94 -18.06
N LYS A 264 -7.75 2.52 -18.22
CA LYS A 264 -7.89 3.84 -18.88
C LYS A 264 -7.32 4.93 -17.97
N THR A 265 -7.46 4.79 -16.65
CA THR A 265 -6.88 5.72 -15.64
C THR A 265 -5.35 5.71 -15.77
N LEU A 266 -4.75 4.52 -15.83
CA LEU A 266 -3.28 4.33 -15.91
C LEU A 266 -2.77 4.84 -17.28
N THR A 267 -3.59 4.75 -18.32
CA THR A 267 -3.23 5.17 -19.70
C THR A 267 -3.09 6.69 -19.74
N MET A 268 -3.88 7.40 -18.92
CA MET A 268 -3.85 8.89 -18.87
C MET A 268 -2.49 9.35 -18.33
N PHE A 269 -1.91 8.61 -17.39
CA PHE A 269 -0.59 8.93 -16.79
C PHE A 269 0.51 8.57 -17.79
N LEU A 270 0.32 7.49 -18.53
CA LEU A 270 1.26 6.97 -19.55
C LEU A 270 1.35 7.98 -20.70
N ALA A 271 0.24 8.64 -21.07
CA ALA A 271 0.12 9.50 -22.26
C ALA A 271 0.74 10.89 -22.01
N ILE A 272 1.11 11.19 -20.75
CA ILE A 272 1.63 12.54 -20.31
C ILE A 272 2.93 12.87 -21.04
N ILE A 273 3.74 11.86 -21.37
CA ILE A 273 5.08 12.02 -22.00
C ILE A 273 4.94 12.64 -23.40
N GLY A 274 3.73 12.63 -23.97
CA GLY A 274 3.44 13.15 -25.32
C GLY A 274 3.18 14.66 -25.34
N PHE A 275 3.01 15.29 -24.16
CA PHE A 275 2.63 16.73 -24.04
C PHE A 275 3.78 17.61 -24.56
N LYS A 276 3.45 18.57 -25.43
CA LYS A 276 4.41 19.54 -26.02
C LYS A 276 4.45 20.80 -25.15
N SER A 277 5.34 20.83 -24.16
CA SER A 277 5.57 21.99 -23.27
C SER A 277 7.07 22.29 -23.16
N ASN A 278 7.58 23.15 -24.05
CA ASN A 278 9.00 23.61 -24.11
C ASN A 278 9.03 25.12 -24.37
N ASP A 279 8.15 25.60 -25.25
CA ASP A 279 8.05 27.02 -25.69
C ASP A 279 7.41 27.86 -24.58
N LYS A 280 6.62 27.24 -23.70
CA LYS A 280 5.91 27.93 -22.59
C LYS A 280 6.83 28.07 -21.37
N LYS A 281 8.10 27.70 -21.50
CA LYS A 281 9.14 27.87 -20.43
C LYS A 281 9.39 29.36 -20.22
N GLU A 282 9.51 30.12 -21.31
CA GLU A 282 9.83 31.58 -21.31
C GLU A 282 8.77 32.34 -20.48
N LYS A 283 7.48 32.00 -20.65
CA LYS A 283 6.32 32.60 -19.91
C LYS A 283 6.04 31.76 -18.62
N ASN A 284 6.94 30.84 -18.29
CA ASN A 284 6.94 30.05 -17.04
C ASN A 284 5.55 29.44 -16.82
N GLU A 285 5.04 28.78 -17.86
CA GLU A 285 3.77 27.98 -17.84
C GLU A 285 4.06 26.57 -18.41
N HIS A 286 5.33 26.16 -18.39
CA HIS A 286 5.83 24.88 -18.97
C HIS A 286 5.27 23.67 -18.18
N GLU A 287 4.82 23.88 -16.94
CA GLU A 287 4.26 22.77 -16.11
C GLU A 287 2.79 23.06 -15.80
N GLU A 288 2.07 23.68 -16.74
CA GLU A 288 0.62 24.02 -16.62
C GLU A 288 -0.23 22.73 -16.64
N TRP A 289 0.26 21.68 -17.31
CA TRP A 289 -0.42 20.36 -17.40
C TRP A 289 -0.51 19.72 -16.02
N TYR A 290 0.53 19.86 -15.19
CA TYR A 290 0.60 19.28 -13.83
C TYR A 290 -0.40 19.99 -12.92
N TYR A 291 -0.42 21.33 -12.94
CA TYR A 291 -1.31 22.16 -12.08
C TYR A 291 -2.76 21.97 -12.54
N GLY A 292 -2.96 21.78 -13.84
CA GLY A 292 -4.27 21.52 -14.44
C GLY A 292 -4.83 20.19 -14.00
N PHE A 293 -3.95 19.19 -13.86
CA PHE A 293 -4.26 17.82 -13.34
C PHE A 293 -4.73 17.93 -11.88
N ILE A 294 -4.06 18.77 -11.08
CA ILE A 294 -4.37 18.96 -9.64
C ILE A 294 -5.76 19.57 -9.49
N ASP A 295 -6.09 20.57 -10.34
CA ASP A 295 -7.42 21.24 -10.41
C ASP A 295 -8.48 20.21 -10.83
N ALA A 296 -8.10 19.24 -11.66
CA ALA A 296 -9.02 18.27 -12.29
C ALA A 296 -9.40 17.17 -11.29
N MET A 297 -8.65 17.05 -10.17
CA MET A 297 -8.83 15.92 -9.22
C MET A 297 -8.84 16.45 -7.77
N LYS A 298 -9.36 17.66 -7.54
CA LYS A 298 -9.48 18.28 -6.18
C LYS A 298 -10.95 18.53 -5.81
N ASN A 299 -11.89 18.22 -6.73
CA ASN A 299 -13.33 18.61 -6.60
C ASN A 299 -14.18 17.38 -6.27
N ASP A 300 -13.58 16.25 -5.86
CA ASP A 300 -14.31 15.04 -5.39
C ASP A 300 -13.48 14.36 -4.30
N PRO A 301 -14.13 13.70 -3.30
CA PRO A 301 -13.42 13.07 -2.18
C PRO A 301 -12.31 12.06 -2.57
N ALA A 302 -12.57 11.16 -3.52
CA ALA A 302 -11.69 10.03 -3.89
C ALA A 302 -10.40 10.56 -4.55
N ASN A 303 -10.52 11.48 -5.51
CA ASN A 303 -9.39 12.02 -6.30
C ASN A 303 -8.52 12.93 -5.42
N ARG A 304 -9.14 13.71 -4.52
CA ARG A 304 -8.36 14.65 -3.66
C ARG A 304 -7.60 13.84 -2.60
N ALA A 305 -8.10 12.66 -2.24
CA ALA A 305 -7.40 11.68 -1.38
C ALA A 305 -6.20 11.12 -2.14
N ALA A 306 -6.36 10.93 -3.45
CA ALA A 306 -5.31 10.47 -4.38
C ALA A 306 -4.21 11.54 -4.49
N LEU A 307 -4.59 12.83 -4.42
CA LEU A 307 -3.65 13.98 -4.49
C LEU A 307 -2.69 13.96 -3.29
N TYR A 308 -3.14 13.54 -2.11
CA TYR A 308 -2.34 13.55 -0.86
C TYR A 308 -1.15 12.56 -0.97
N PHE A 309 -1.20 11.62 -1.93
CA PHE A 309 -0.08 10.73 -2.31
C PHE A 309 0.95 11.48 -3.16
N LEU A 310 0.45 12.28 -4.11
CA LEU A 310 1.27 13.11 -5.03
C LEU A 310 2.06 14.16 -4.23
N ASP A 311 1.42 14.84 -3.27
CA ASP A 311 2.07 15.82 -2.38
C ASP A 311 1.28 15.95 -1.08
N LYS A 312 1.97 15.92 0.07
CA LYS A 312 1.36 16.05 1.41
C LYS A 312 1.02 17.52 1.69
N ASN A 313 1.64 18.44 0.93
CA ASN A 313 1.54 19.91 1.16
C ASN A 313 0.81 20.57 -0.02
N TRP A 314 0.03 19.80 -0.79
CA TRP A 314 -0.50 20.28 -2.10
C TRP A 314 -1.49 21.43 -1.92
N PRO A 315 -2.36 21.49 -0.87
CA PRO A 315 -3.32 22.59 -0.75
C PRO A 315 -2.65 23.96 -0.54
N GLU A 316 -1.54 23.99 0.22
CA GLU A 316 -0.75 25.24 0.48
C GLU A 316 0.00 25.64 -0.80
N GLU A 317 0.53 24.68 -1.54
CA GLU A 317 1.25 24.91 -2.83
C GLU A 317 0.26 25.39 -3.89
N LEU A 318 -0.97 24.82 -3.91
CA LEU A 318 -2.07 25.19 -4.86
C LEU A 318 -2.56 26.59 -4.53
N GLU A 319 -2.71 26.92 -3.24
CA GLU A 319 -3.17 28.26 -2.76
C GLU A 319 -2.19 29.33 -3.26
N GLU A 320 -0.91 29.23 -2.88
CA GLU A 320 0.13 30.24 -3.21
C GLU A 320 0.36 30.33 -4.73
N ARG A 321 0.14 29.26 -5.50
CA ARG A 321 0.39 29.23 -6.96
C ARG A 321 -0.84 29.80 -7.70
N GLU A 322 -2.05 29.60 -7.17
CA GLU A 322 -3.33 29.93 -7.86
C GLU A 322 -3.99 31.15 -7.19
N LYS A 323 -3.27 31.81 -6.26
CA LYS A 323 -3.78 32.99 -5.50
C LYS A 323 -2.93 34.23 -5.81
N GLU A 324 -1.77 34.03 -6.45
CA GLU A 324 -0.92 35.13 -6.93
C GLU A 324 -1.62 35.77 -8.12
N ARG A 325 -2.54 36.68 -7.84
CA ARG A 325 -3.28 37.46 -8.86
C ARG A 325 -2.69 38.88 -8.88
N ASP A 326 -1.48 39.04 -8.34
CA ASP A 326 -0.73 40.32 -8.35
C ASP A 326 -0.06 40.44 -9.74
N ARG A 327 0.09 39.32 -10.45
CA ARG A 327 0.54 39.28 -11.87
C ARG A 327 -0.64 39.57 -12.80
N ILE A 328 -1.88 39.50 -12.27
CA ILE A 328 -3.13 39.81 -13.04
C ILE A 328 -3.39 41.32 -12.97
N ARG A 329 -2.59 42.05 -12.17
CA ARG A 329 -2.68 43.53 -11.99
C ARG A 329 -1.67 44.22 -12.91
N PRO B 3 10.56 -29.95 30.49
CA PRO B 3 9.27 -29.25 30.33
C PRO B 3 8.71 -29.35 28.89
N THR B 4 7.63 -30.10 28.69
CA THR B 4 6.96 -30.33 27.37
C THR B 4 6.04 -29.13 27.05
N ALA B 5 6.28 -28.50 25.89
CA ALA B 5 5.59 -27.27 25.44
C ALA B 5 4.10 -27.55 25.16
N ILE B 6 3.21 -26.72 25.70
CA ILE B 6 1.75 -26.74 25.41
C ILE B 6 1.52 -26.37 23.94
N ARG B 7 0.85 -27.24 23.19
CA ARG B 7 0.51 -27.04 21.76
C ARG B 7 -0.65 -26.05 21.67
N LEU B 8 -0.69 -25.24 20.61
CA LEU B 8 -1.76 -24.23 20.37
C LEU B 8 -3.12 -24.93 20.37
N GLU B 9 -3.26 -26.02 19.60
CA GLU B 9 -4.57 -26.70 19.36
C GLU B 9 -5.16 -27.20 20.70
N ASP B 10 -4.31 -27.39 21.73
CA ASP B 10 -4.70 -27.87 23.09
C ASP B 10 -5.32 -26.71 23.91
N TYR B 11 -4.75 -25.51 23.82
CA TYR B 11 -5.08 -24.31 24.66
C TYR B 11 -6.58 -23.98 24.54
N ASP B 12 -7.13 -23.27 25.53
CA ASP B 12 -8.59 -23.02 25.73
C ASP B 12 -9.21 -22.31 24.52
N LYS B 13 -8.94 -21.00 24.35
CA LYS B 13 -9.44 -20.14 23.23
C LYS B 13 -10.94 -19.84 23.38
N SER B 14 -11.53 -20.11 24.55
CA SER B 14 -12.98 -19.82 24.83
C SER B 14 -13.13 -18.37 25.32
N LYS B 15 -12.04 -17.79 25.84
CA LYS B 15 -12.03 -16.43 26.43
C LYS B 15 -11.74 -15.36 25.36
N LEU B 16 -11.33 -15.77 24.14
CA LEU B 16 -10.92 -14.82 23.05
C LEU B 16 -12.18 -14.27 22.39
N ARG B 17 -12.35 -12.94 22.36
CA ARG B 17 -13.46 -12.26 21.64
C ARG B 17 -13.08 -12.02 20.17
N LEU B 18 -11.79 -12.18 19.83
CA LEU B 18 -11.25 -12.03 18.45
C LEU B 18 -10.36 -13.22 18.13
N PRO B 19 -10.94 -14.38 17.78
CA PRO B 19 -10.16 -15.53 17.34
C PRO B 19 -9.55 -15.32 15.94
N PHE B 20 -8.64 -16.21 15.54
CA PHE B 20 -7.95 -16.19 14.22
C PHE B 20 -8.99 -16.01 13.10
N GLU B 21 -10.13 -16.71 13.22
CA GLU B 21 -11.15 -16.87 12.13
C GLU B 21 -12.00 -15.61 12.02
N SER B 22 -11.84 -14.63 12.93
CA SER B 22 -12.57 -13.34 12.88
C SER B 22 -12.08 -12.52 11.68
N PRO B 23 -12.98 -11.94 10.87
CA PRO B 23 -12.57 -11.11 9.74
C PRO B 23 -11.60 -9.99 10.14
N TYR B 24 -11.74 -9.47 11.37
CA TYR B 24 -11.06 -8.25 11.87
C TYR B 24 -9.72 -8.61 12.54
N PHE B 25 -9.36 -9.91 12.63
CA PHE B 25 -8.12 -10.36 13.31
C PHE B 25 -6.86 -10.06 12.49
N PRO B 26 -6.70 -10.48 11.20
CA PRO B 26 -5.42 -10.31 10.50
C PRO B 26 -4.81 -8.89 10.67
N ALA B 27 -5.62 -7.85 10.45
CA ALA B 27 -5.21 -6.43 10.50
C ALA B 27 -4.83 -6.04 11.92
N TYR B 28 -5.59 -6.48 12.91
CA TYR B 28 -5.34 -6.17 14.31
C TYR B 28 -4.01 -6.82 14.72
N PHE B 29 -3.80 -8.09 14.36
CA PHE B 29 -2.53 -8.82 14.66
C PHE B 29 -1.33 -8.07 14.05
N ARG B 30 -1.51 -7.47 12.87
CA ARG B 30 -0.44 -6.78 12.08
C ARG B 30 -0.07 -5.43 12.72
N LEU B 31 -0.76 -4.99 13.77
CA LEU B 31 -0.32 -3.83 14.62
C LEU B 31 0.85 -4.29 15.52
N LEU B 32 1.09 -5.61 15.62
CA LEU B 32 2.25 -6.22 16.34
C LEU B 32 3.34 -6.69 15.36
N LYS B 33 3.26 -6.32 14.08
CA LYS B 33 4.18 -6.84 13.03
C LYS B 33 5.64 -6.52 13.38
N TRP B 34 5.93 -5.37 14.03
CA TRP B 34 7.33 -4.97 14.37
C TRP B 34 7.81 -5.79 15.57
N LYS B 35 6.90 -6.13 16.49
CA LYS B 35 7.19 -6.97 17.67
C LYS B 35 7.39 -8.41 17.20
N PHE B 36 6.67 -8.82 16.15
CA PHE B 36 6.79 -10.17 15.53
C PHE B 36 8.14 -10.30 14.85
N LEU B 37 8.55 -9.28 14.07
CA LEU B 37 9.91 -9.18 13.46
C LEU B 37 10.93 -9.24 14.57
N ASP B 38 10.73 -8.44 15.64
CA ASP B 38 11.64 -8.38 16.82
C ASP B 38 11.87 -9.80 17.38
N VAL B 39 10.80 -10.59 17.52
CA VAL B 39 10.82 -11.97 18.11
C VAL B 39 11.61 -12.90 17.18
N CYS B 40 11.37 -12.84 15.88
CA CYS B 40 12.09 -13.64 14.86
C CYS B 40 13.59 -13.29 14.89
N VAL B 41 13.94 -12.02 15.09
CA VAL B 41 15.35 -11.54 15.08
C VAL B 41 16.03 -11.95 16.39
N GLU B 42 15.30 -11.85 17.51
CA GLU B 42 15.74 -12.26 18.87
C GLU B 42 16.14 -13.74 18.87
N SER B 43 15.43 -14.57 18.09
CA SER B 43 15.52 -16.06 18.12
C SER B 43 16.78 -16.57 17.41
N THR B 44 17.40 -15.75 16.54
CA THR B 44 18.68 -16.08 15.86
C THR B 44 19.79 -16.20 16.91
N ARG B 45 20.26 -17.41 17.20
CA ARG B 45 21.24 -17.70 18.28
C ARG B 45 22.68 -17.58 17.75
N ASN B 46 23.16 -18.59 17.02
CA ASN B 46 24.55 -18.65 16.50
C ASN B 46 24.53 -19.06 15.02
N ASN B 47 24.64 -18.07 14.11
CA ASN B 47 24.76 -18.24 12.63
C ASN B 47 23.56 -19.02 12.06
N ASP B 48 22.47 -19.17 12.84
CA ASP B 48 21.19 -19.75 12.35
C ASP B 48 20.20 -18.59 12.09
N ILE B 49 19.21 -18.83 11.24
CA ILE B 49 18.20 -17.81 10.88
C ILE B 49 17.01 -17.93 11.85
N GLY B 50 17.10 -18.82 12.84
CA GLY B 50 16.10 -18.96 13.91
C GLY B 50 14.70 -19.23 13.37
N TYR B 51 13.71 -18.52 13.88
CA TYR B 51 12.25 -18.76 13.61
C TYR B 51 11.93 -18.40 12.15
N PHE B 52 12.77 -17.59 11.49
CA PHE B 52 12.56 -17.17 10.09
C PHE B 52 12.37 -18.42 9.21
N LYS B 53 13.05 -19.51 9.56
CA LYS B 53 13.11 -20.74 8.73
C LYS B 53 11.71 -21.38 8.61
N LEU B 54 10.85 -21.17 9.61
CA LEU B 54 9.46 -21.72 9.65
C LEU B 54 8.61 -21.14 8.50
N PHE B 55 9.13 -20.15 7.74
CA PHE B 55 8.37 -19.41 6.70
C PHE B 55 8.94 -19.72 5.30
N GLU B 56 9.87 -20.68 5.20
CA GLU B 56 10.64 -20.95 3.95
C GLU B 56 9.69 -21.44 2.83
N SER B 57 8.56 -22.07 3.18
CA SER B 57 7.56 -22.61 2.23
C SER B 57 6.84 -21.49 1.46
N LEU B 58 6.91 -20.25 1.98
CA LEU B 58 6.15 -19.08 1.47
C LEU B 58 7.01 -18.27 0.48
N PHE B 59 8.25 -18.66 0.25
CA PHE B 59 9.14 -17.99 -0.72
C PHE B 59 9.72 -19.01 -1.67
N PRO B 60 10.25 -18.57 -2.84
CA PRO B 60 10.94 -19.47 -3.75
C PRO B 60 12.19 -20.04 -3.11
N PRO B 61 12.59 -21.28 -3.46
CA PRO B 61 13.71 -21.97 -2.82
C PRO B 61 14.97 -21.10 -2.64
N GLY B 62 15.38 -20.91 -1.39
CA GLY B 62 16.59 -20.15 -1.06
C GLY B 62 16.34 -18.67 -0.86
N LYS B 63 15.24 -18.12 -1.39
CA LYS B 63 14.89 -16.69 -1.23
C LYS B 63 14.72 -16.33 0.26
N LEU B 64 14.16 -17.22 1.07
CA LEU B 64 13.93 -16.93 2.50
C LEU B 64 15.28 -16.61 3.15
N GLU B 65 16.23 -17.54 3.04
CA GLU B 65 17.62 -17.43 3.60
C GLU B 65 18.22 -16.07 3.21
N GLU B 66 18.12 -15.66 1.93
CA GLU B 66 18.64 -14.35 1.45
C GLU B 66 18.02 -13.22 2.30
N ILE B 67 16.69 -13.21 2.45
CA ILE B 67 15.95 -12.13 3.13
C ILE B 67 16.41 -12.06 4.59
N ALA B 68 16.34 -13.20 5.30
CA ALA B 68 16.76 -13.31 6.71
C ALA B 68 18.14 -12.69 6.88
N ARG B 69 19.12 -13.15 6.11
CA ARG B 69 20.52 -12.63 6.19
C ARG B 69 20.49 -11.12 6.03
N MET B 70 20.00 -10.62 4.91
CA MET B 70 19.97 -9.17 4.62
C MET B 70 19.49 -8.37 5.85
N ILE B 71 18.69 -9.00 6.72
CA ILE B 71 18.10 -8.36 7.93
C ILE B 71 19.09 -8.44 9.10
N ILE B 72 19.73 -9.60 9.33
CA ILE B 72 20.51 -9.90 10.58
C ILE B 72 22.03 -9.75 10.35
N ASP B 73 22.49 -9.90 9.10
CA ASP B 73 23.92 -9.71 8.69
C ASP B 73 24.47 -8.43 9.33
N GLU B 74 25.63 -8.53 9.97
CA GLU B 74 26.40 -7.40 10.54
C GLU B 74 26.85 -6.51 9.37
N PRO B 75 26.86 -5.17 9.54
CA PRO B 75 27.34 -4.30 8.46
C PRO B 75 28.88 -4.41 8.23
N THR B 76 29.33 -4.22 6.98
CA THR B 76 30.78 -4.06 6.66
C THR B 76 31.33 -2.85 7.40
N PRO B 77 32.58 -2.89 7.91
CA PRO B 77 33.13 -1.78 8.68
C PRO B 77 33.24 -0.50 7.82
N VAL B 78 32.85 0.63 8.38
CA VAL B 78 32.89 1.97 7.71
C VAL B 78 34.35 2.37 7.42
N SER B 79 35.33 1.73 8.08
CA SER B 79 36.79 1.95 7.84
C SER B 79 37.18 1.41 6.47
N HIS B 80 36.39 0.52 5.88
CA HIS B 80 36.63 -0.07 4.53
C HIS B 80 35.83 0.67 3.47
N ASP B 81 35.13 1.74 3.81
CA ASP B 81 34.33 2.52 2.82
C ASP B 81 35.29 3.26 1.87
N PRO B 82 35.09 3.20 0.53
CA PRO B 82 36.02 3.84 -0.39
C PRO B 82 36.17 5.36 -0.18
N ASP B 83 35.08 6.06 0.12
CA ASP B 83 35.10 7.53 0.36
C ASP B 83 35.80 7.80 1.71
N MET B 84 35.51 7.02 2.77
CA MET B 84 36.20 7.15 4.07
C MET B 84 37.72 7.06 3.86
N ILE B 85 38.18 6.07 3.10
CA ILE B 85 39.63 5.82 2.88
C ILE B 85 40.21 7.03 2.14
N LYS B 86 39.45 7.62 1.20
CA LYS B 86 39.93 8.76 0.38
C LYS B 86 40.07 10.01 1.27
N ILE B 87 39.10 10.25 2.17
CA ILE B 87 39.10 11.40 3.11
C ILE B 87 40.38 11.31 3.96
N ARG B 88 40.68 10.14 4.53
CA ARG B 88 41.77 9.94 5.52
C ARG B 88 43.13 10.01 4.82
N ASN B 89 43.15 10.04 3.49
CA ASN B 89 44.40 10.09 2.67
C ASN B 89 44.53 11.47 1.98
N ALA B 90 43.51 12.34 2.06
CA ALA B 90 43.43 13.59 1.27
C ALA B 90 44.26 14.73 1.92
N ASP B 91 44.65 14.56 3.19
CA ASP B 91 45.53 15.49 3.97
C ASP B 91 44.75 16.79 4.26
N LEU B 92 43.54 16.68 4.75
CA LEU B 92 42.65 17.84 5.00
C LEU B 92 43.00 18.44 6.36
N ASP B 93 42.71 19.73 6.54
CA ASP B 93 42.64 20.38 7.88
C ASP B 93 41.79 19.51 8.82
N VAL B 94 42.32 19.21 10.01
CA VAL B 94 41.72 18.33 11.03
C VAL B 94 40.20 18.57 11.13
N LYS B 95 39.75 19.83 11.24
CA LYS B 95 38.34 20.17 11.55
C LYS B 95 37.44 19.72 10.39
N ILE B 96 37.86 19.97 9.16
CA ILE B 96 37.14 19.59 7.90
C ILE B 96 37.11 18.05 7.78
N ARG B 97 38.26 17.38 7.96
CA ARG B 97 38.37 15.91 7.90
C ARG B 97 37.30 15.28 8.81
N LYS B 98 37.27 15.68 10.09
CA LYS B 98 36.37 15.07 11.11
C LYS B 98 34.90 15.31 10.69
N GLN B 99 34.56 16.48 10.13
CA GLN B 99 33.18 16.78 9.65
C GLN B 99 32.85 15.79 8.51
N ALA B 100 33.75 15.66 7.54
CA ALA B 100 33.59 14.78 6.37
C ALA B 100 33.39 13.35 6.85
N GLU B 101 34.20 12.90 7.80
CA GLU B 101 34.20 11.52 8.32
C GLU B 101 32.83 11.22 8.94
N THR B 102 32.23 12.18 9.64
CA THR B 102 30.94 11.97 10.34
C THR B 102 29.83 11.84 9.29
N TYR B 103 29.93 12.59 8.21
CA TYR B 103 28.94 12.57 7.10
C TYR B 103 29.01 11.22 6.39
N VAL B 104 30.21 10.67 6.20
CA VAL B 104 30.42 9.33 5.60
C VAL B 104 29.90 8.23 6.57
N THR B 105 30.13 8.38 7.89
CA THR B 105 29.64 7.45 8.93
C THR B 105 28.10 7.44 8.96
N LEU B 106 27.46 8.61 8.95
CA LEU B 106 25.97 8.75 8.94
C LEU B 106 25.41 8.15 7.65
N ARG B 107 25.98 8.46 6.50
CA ARG B 107 25.54 7.91 5.18
C ARG B 107 25.62 6.38 5.22
N HIS B 108 26.64 5.85 5.89
CA HIS B 108 26.96 4.41 5.92
C HIS B 108 25.86 3.69 6.71
N ALA B 109 25.45 4.25 7.84
CA ALA B 109 24.42 3.66 8.72
C ALA B 109 23.08 3.72 7.99
N HIS B 110 22.78 4.88 7.40
CA HIS B 110 21.52 5.12 6.66
C HIS B 110 21.37 4.08 5.55
N GLN B 111 22.40 3.86 4.77
CA GLN B 111 22.36 2.88 3.65
C GLN B 111 22.06 1.48 4.20
N GLN B 112 22.54 1.16 5.41
CA GLN B 112 22.34 -0.16 6.08
C GLN B 112 20.87 -0.27 6.53
N LYS B 113 20.31 0.84 7.04
CA LYS B 113 18.91 0.95 7.53
C LYS B 113 17.95 0.71 6.36
N VAL B 114 18.27 1.25 5.20
CA VAL B 114 17.45 1.20 3.96
C VAL B 114 17.36 -0.27 3.48
N GLN B 115 18.47 -1.01 3.55
CA GLN B 115 18.53 -2.46 3.19
CA GLN B 115 18.49 -2.45 3.18
C GLN B 115 17.72 -3.27 4.22
N ARG B 116 17.97 -3.03 5.50
CA ARG B 116 17.28 -3.77 6.58
C ARG B 116 15.76 -3.56 6.46
N ARG B 117 15.31 -2.32 6.27
CA ARG B 117 13.85 -2.01 6.13
C ARG B 117 13.28 -2.68 4.88
N ARG B 118 13.98 -2.60 3.76
CA ARG B 118 13.52 -3.16 2.48
C ARG B 118 13.22 -4.68 2.65
N PHE B 119 14.16 -5.42 3.21
CA PHE B 119 14.09 -6.89 3.29
C PHE B 119 13.19 -7.32 4.46
N SER B 120 13.08 -6.49 5.50
CA SER B 120 12.10 -6.68 6.61
C SER B 120 10.67 -6.62 6.04
N GLU B 121 10.39 -5.58 5.24
CA GLU B 121 9.07 -5.35 4.59
C GLU B 121 8.80 -6.44 3.56
N CYS B 122 9.84 -7.00 2.92
CA CYS B 122 9.68 -8.12 1.95
CA CYS B 122 9.70 -8.12 1.95
C CYS B 122 9.24 -9.38 2.70
N PHE B 123 9.75 -9.60 3.90
CA PHE B 123 9.38 -10.78 4.73
C PHE B 123 7.95 -10.60 5.25
N LEU B 124 7.71 -9.50 5.97
CA LEU B 124 6.44 -9.22 6.69
C LEU B 124 5.26 -9.18 5.70
N ASN B 125 5.42 -8.54 4.54
CA ASN B 125 4.32 -8.37 3.54
C ASN B 125 4.01 -9.71 2.85
N THR B 126 4.92 -10.68 2.87
CA THR B 126 4.74 -12.02 2.28
C THR B 126 3.99 -12.93 3.27
N VAL B 127 4.42 -12.96 4.55
CA VAL B 127 3.96 -13.95 5.56
C VAL B 127 2.67 -13.49 6.25
N LEU B 128 2.49 -12.20 6.48
CA LEU B 128 1.40 -11.68 7.36
C LEU B 128 0.15 -11.32 6.52
N PHE B 129 0.13 -11.59 5.22
CA PHE B 129 -1.03 -11.26 4.36
C PHE B 129 -1.51 -12.54 3.67
N ASP B 130 -1.08 -13.69 4.20
CA ASP B 130 -1.35 -15.05 3.71
C ASP B 130 -1.87 -15.87 4.89
N GLU B 131 -2.95 -16.63 4.70
CA GLU B 131 -3.61 -17.41 5.78
C GLU B 131 -2.57 -18.37 6.39
N LYS B 132 -1.90 -19.15 5.57
CA LYS B 132 -0.95 -20.22 6.01
C LYS B 132 0.16 -19.55 6.84
N GLY B 133 0.61 -18.38 6.40
CA GLY B 133 1.67 -17.59 7.04
C GLY B 133 1.24 -16.95 8.34
N LEU B 134 -0.01 -16.51 8.44
CA LEU B 134 -0.57 -15.95 9.69
C LEU B 134 -0.72 -17.06 10.72
N ARG B 135 -1.09 -18.25 10.30
CA ARG B 135 -1.17 -19.45 11.17
C ARG B 135 0.18 -19.64 11.85
N ILE B 136 1.26 -19.60 11.07
CA ILE B 136 2.63 -19.84 11.60
C ILE B 136 2.96 -18.70 12.56
N ALA B 137 2.62 -17.46 12.20
CA ALA B 137 2.92 -16.25 12.98
C ALA B 137 2.13 -16.30 14.30
N ASP B 138 0.89 -16.79 14.26
CA ASP B 138 0.00 -16.90 15.45
C ASP B 138 0.69 -17.82 16.47
N GLU B 139 1.13 -18.99 16.02
CA GLU B 139 1.79 -20.01 16.88
C GLU B 139 3.13 -19.47 17.40
N VAL B 140 3.86 -18.67 16.61
CA VAL B 140 5.18 -18.12 17.05
C VAL B 140 4.95 -17.23 18.27
N MET B 141 3.94 -16.36 18.19
CA MET B 141 3.58 -15.41 19.27
C MET B 141 3.12 -16.18 20.51
N PHE B 142 2.34 -17.24 20.32
CA PHE B 142 1.80 -18.11 21.41
C PHE B 142 2.96 -18.70 22.19
N ASN B 143 3.98 -19.20 21.49
CA ASN B 143 5.15 -19.88 22.09
C ASN B 143 6.05 -18.86 22.78
N TYR B 144 6.05 -17.60 22.31
CA TYR B 144 6.89 -16.50 22.86
C TYR B 144 6.27 -16.02 24.20
N ASP B 145 5.03 -15.59 24.17
CA ASP B 145 4.32 -14.98 25.32
C ASP B 145 2.81 -15.21 25.16
N LYS B 146 2.22 -15.98 26.10
CA LYS B 146 0.79 -16.36 26.12
C LYS B 146 -0.06 -15.10 26.27
N GLU B 147 0.38 -14.14 27.11
CA GLU B 147 -0.38 -12.89 27.43
C GLU B 147 -0.52 -12.05 26.16
N LEU B 148 0.58 -11.90 25.41
CA LEU B 148 0.63 -11.12 24.16
C LEU B 148 -0.24 -11.81 23.12
N TYR B 149 -0.17 -13.15 23.03
CA TYR B 149 -1.07 -13.98 22.18
C TYR B 149 -2.50 -13.60 22.51
N GLY B 150 -2.85 -13.64 23.80
CA GLY B 150 -4.19 -13.31 24.31
C GLY B 150 -4.61 -11.91 23.90
N TYR B 151 -3.71 -10.95 24.08
CA TYR B 151 -3.95 -9.50 23.87
C TYR B 151 -4.27 -9.26 22.37
N SER B 152 -3.63 -10.04 21.49
CA SER B 152 -3.80 -9.96 20.01
C SER B 152 -5.15 -10.56 19.59
N HIS B 153 -5.80 -11.30 20.51
CA HIS B 153 -7.07 -12.04 20.28
C HIS B 153 -8.22 -11.49 21.16
N TRP B 154 -7.97 -10.45 21.97
CA TRP B 154 -8.97 -9.83 22.91
C TRP B 154 -9.41 -10.87 23.97
N GLU B 155 -8.47 -11.54 24.63
CA GLU B 155 -8.72 -12.51 25.73
C GLU B 155 -9.35 -11.77 26.92
N ASP B 156 -10.41 -12.37 27.50
CA ASP B 156 -11.10 -11.94 28.75
C ASP B 156 -11.75 -10.56 28.52
N LEU B 157 -12.05 -10.20 27.28
CA LEU B 157 -12.75 -8.93 26.95
C LEU B 157 -14.25 -9.11 27.18
N PRO B 158 -14.95 -8.14 27.81
CA PRO B 158 -16.38 -8.27 28.03
C PRO B 158 -17.17 -8.41 26.71
N ASP B 159 -18.38 -8.95 26.81
CA ASP B 159 -19.24 -9.41 25.68
C ASP B 159 -19.79 -8.18 24.92
N GLY B 160 -20.19 -7.14 25.64
CA GLY B 160 -20.92 -6.00 25.07
C GLY B 160 -20.05 -4.78 24.93
N TRP B 161 -18.74 -4.97 24.75
CA TRP B 161 -17.73 -3.87 24.73
C TRP B 161 -18.01 -2.94 23.54
N LEU B 162 -18.40 -1.70 23.80
CA LEU B 162 -18.89 -0.74 22.77
C LEU B 162 -17.69 -0.16 22.00
N THR B 163 -16.53 -0.14 22.63
CA THR B 163 -15.27 0.36 22.02
C THR B 163 -14.88 -0.56 20.88
N ALA B 164 -15.12 -1.86 21.02
CA ALA B 164 -14.79 -2.90 20.03
C ALA B 164 -15.65 -2.69 18.77
N GLU B 165 -16.92 -2.31 18.94
CA GLU B 165 -17.89 -2.08 17.84
C GLU B 165 -17.46 -0.83 17.05
N THR B 166 -17.11 0.26 17.73
CA THR B 166 -16.64 1.51 17.07
C THR B 166 -15.38 1.22 16.22
N PHE B 167 -14.42 0.51 16.81
CA PHE B 167 -13.14 0.09 16.18
C PHE B 167 -13.42 -0.67 14.88
N LYS B 168 -14.27 -1.69 14.93
CA LYS B 168 -14.63 -2.54 13.76
C LYS B 168 -15.30 -1.67 12.68
N ASN B 169 -16.10 -0.68 13.10
CA ASN B 169 -16.96 0.14 12.21
C ASN B 169 -16.13 1.22 11.51
N LYS B 170 -15.20 1.87 12.20
CA LYS B 170 -14.51 3.06 11.64
C LYS B 170 -13.17 2.68 11.00
N PHE B 171 -12.56 1.56 11.40
CA PHE B 171 -11.17 1.20 10.99
C PHE B 171 -11.16 0.11 9.91
N TYR B 172 -12.31 -0.46 9.57
CA TYR B 172 -12.45 -1.41 8.43
C TYR B 172 -13.54 -0.94 7.48
N ASP B 173 -13.30 -1.12 6.19
CA ASP B 173 -14.33 -1.06 5.12
C ASP B 173 -15.03 -2.42 5.07
N GLU B 174 -16.35 -2.42 5.24
CA GLU B 174 -17.22 -3.64 5.29
C GLU B 174 -16.90 -4.57 4.09
N GLU B 175 -16.83 -4.04 2.87
CA GLU B 175 -16.67 -4.85 1.63
C GLU B 175 -15.26 -5.47 1.58
N GLU B 176 -14.25 -4.69 1.90
CA GLU B 176 -12.82 -5.09 1.81
C GLU B 176 -12.55 -6.23 2.81
N VAL B 177 -13.08 -6.13 4.02
CA VAL B 177 -12.80 -7.11 5.11
C VAL B 177 -13.60 -8.39 4.86
N THR B 178 -14.75 -8.29 4.16
CA THR B 178 -15.60 -9.45 3.85
C THR B 178 -14.94 -10.28 2.74
N ASN B 179 -14.44 -9.60 1.70
CA ASN B 179 -13.84 -10.27 0.50
C ASN B 179 -12.57 -11.03 0.90
N ASN B 180 -11.58 -10.35 1.50
CA ASN B 180 -10.30 -11.02 1.91
C ASN B 180 -9.83 -10.47 3.25
N PRO B 181 -10.18 -11.11 4.39
CA PRO B 181 -9.74 -10.65 5.71
C PRO B 181 -8.20 -10.52 5.86
N PHE B 182 -7.44 -11.40 5.19
CA PHE B 182 -5.96 -11.47 5.29
C PHE B 182 -5.31 -10.39 4.41
N GLY B 183 -6.09 -9.75 3.55
CA GLY B 183 -5.64 -8.69 2.62
C GLY B 183 -5.49 -7.37 3.34
N TYR B 184 -4.99 -6.35 2.62
CA TYR B 184 -4.83 -4.96 3.11
C TYR B 184 -6.20 -4.43 3.59
N GLN B 185 -6.24 -3.86 4.79
CA GLN B 185 -7.46 -3.19 5.34
C GLN B 185 -7.15 -1.74 5.65
N LYS B 186 -8.21 -0.93 5.77
CA LYS B 186 -8.10 0.50 6.13
C LYS B 186 -7.12 0.65 7.31
N LEU B 187 -7.27 -0.18 8.34
CA LEU B 187 -6.41 -0.19 9.56
C LEU B 187 -4.92 -0.18 9.17
N ASP B 188 -4.51 -1.07 8.27
CA ASP B 188 -3.10 -1.20 7.85
C ASP B 188 -2.63 0.13 7.23
N ARG B 189 -3.50 0.82 6.49
CA ARG B 189 -3.15 2.10 5.79
C ARG B 189 -3.05 3.25 6.81
N VAL B 190 -4.02 3.38 7.69
CA VAL B 190 -4.09 4.56 8.62
C VAL B 190 -2.95 4.45 9.63
N ALA B 191 -2.81 3.30 10.30
CA ALA B 191 -1.77 3.02 11.33
C ALA B 191 -0.37 3.19 10.73
N GLY B 192 -0.19 2.78 9.48
CA GLY B 192 1.10 2.85 8.76
C GLY B 192 1.49 4.28 8.39
N ALA B 193 0.51 5.11 8.03
CA ALA B 193 0.72 6.50 7.56
C ALA B 193 0.81 7.47 8.76
N ALA B 194 0.16 7.13 9.87
CA ALA B 194 0.06 8.01 11.06
C ALA B 194 1.44 8.25 11.67
N ARG B 195 1.58 9.40 12.34
CA ARG B 195 2.78 9.79 13.13
CA ARG B 195 2.78 9.77 13.14
C ARG B 195 2.35 9.92 14.61
N GLY B 196 2.50 8.84 15.36
CA GLY B 196 1.97 8.66 16.72
C GLY B 196 2.35 9.78 17.68
N MET B 197 3.57 10.32 17.59
CA MET B 197 4.08 11.28 18.62
C MET B 197 3.18 12.51 18.67
N ILE B 198 2.79 13.03 17.51
CA ILE B 198 1.94 14.26 17.38
C ILE B 198 0.50 13.93 17.85
N ILE B 199 0.02 12.70 17.62
CA ILE B 199 -1.32 12.22 18.07
C ILE B 199 -1.30 12.16 19.61
N MET B 200 -0.23 11.64 20.22
CA MET B 200 -0.11 11.47 21.69
C MET B 200 -0.12 12.85 22.36
N LYS B 201 0.56 13.84 21.77
CA LYS B 201 0.68 15.23 22.30
C LYS B 201 -0.70 15.90 22.33
N HIS B 202 -1.49 15.78 21.25
CA HIS B 202 -2.79 16.46 21.09
C HIS B 202 -3.86 15.79 21.96
N LEU B 203 -3.78 14.46 22.13
CA LEU B 203 -4.76 13.72 22.96
C LEU B 203 -4.50 14.07 24.44
N LYS B 204 -3.25 14.32 24.80
CA LYS B 204 -2.83 14.71 26.17
C LYS B 204 -3.38 16.10 26.50
N SER B 205 -3.66 16.92 25.48
CA SER B 205 -4.16 18.31 25.60
C SER B 205 -5.68 18.37 25.43
N ASN B 206 -6.32 17.22 25.18
CA ASN B 206 -7.80 17.08 24.99
C ASN B 206 -8.45 16.83 26.36
N PRO B 207 -9.37 17.72 26.83
CA PRO B 207 -10.04 17.52 28.12
C PRO B 207 -11.05 16.34 28.09
N ARG B 208 -11.49 15.96 26.90
CA ARG B 208 -12.46 14.88 26.67
C ARG B 208 -11.79 13.51 26.86
N CYS B 209 -10.54 13.36 26.42
CA CYS B 209 -9.85 12.05 26.26
C CYS B 209 -8.80 11.83 27.36
N VAL B 210 -9.14 12.04 28.63
CA VAL B 210 -8.17 11.96 29.77
C VAL B 210 -7.96 10.49 30.13
N SER B 211 -9.05 9.72 30.24
CA SER B 211 -9.04 8.26 30.58
C SER B 211 -8.32 7.47 29.48
N GLU B 212 -8.54 7.86 28.22
CA GLU B 212 -8.03 7.17 27.00
C GLU B 212 -6.52 7.36 26.91
N THR B 213 -6.03 8.57 27.20
CA THR B 213 -4.59 8.93 27.18
C THR B 213 -3.84 8.08 28.23
N THR B 214 -4.45 7.86 29.40
CA THR B 214 -3.84 7.07 30.51
C THR B 214 -3.61 5.63 30.02
N ILE B 215 -4.58 5.03 29.34
CA ILE B 215 -4.46 3.64 28.78
C ILE B 215 -3.36 3.67 27.69
N LEU B 216 -3.35 4.68 26.82
CA LEU B 216 -2.37 4.79 25.71
C LEU B 216 -0.96 4.86 26.26
N ALA B 217 -0.73 5.73 27.26
CA ALA B 217 0.60 5.95 27.90
C ALA B 217 1.13 4.64 28.47
N PHE B 218 0.27 3.85 29.10
CA PHE B 218 0.67 2.62 29.81
C PHE B 218 1.02 1.51 28.79
N GLU B 219 0.12 1.28 27.80
CA GLU B 219 0.25 0.17 26.82
C GLU B 219 1.40 0.47 25.87
N VAL B 220 1.76 1.75 25.67
CA VAL B 220 2.91 2.14 24.81
C VAL B 220 4.25 2.10 25.59
N PHE B 221 4.33 2.58 26.83
CA PHE B 221 5.63 2.74 27.54
C PHE B 221 5.82 1.69 28.63
N ASN B 222 4.78 1.27 29.35
CA ASN B 222 4.97 0.55 30.63
C ASN B 222 4.57 -0.93 30.49
N LYS B 223 3.87 -1.33 29.43
CA LYS B 223 3.60 -2.77 29.16
C LYS B 223 4.85 -3.41 28.57
N GLY B 224 5.44 -4.38 29.29
CA GLY B 224 6.75 -4.97 29.00
C GLY B 224 6.79 -5.72 27.67
N ASN B 225 5.69 -6.38 27.26
CA ASN B 225 5.67 -7.20 26.02
C ASN B 225 5.22 -6.34 24.83
N HIS B 226 5.01 -5.03 25.02
CA HIS B 226 4.79 -4.04 23.93
C HIS B 226 6.09 -3.28 23.65
N GLN B 227 7.21 -3.84 24.11
CA GLN B 227 8.57 -3.24 24.00
C GLN B 227 9.41 -4.21 23.19
N LEU B 228 10.28 -3.69 22.33
CA LEU B 228 11.14 -4.51 21.46
C LEU B 228 12.36 -4.91 22.28
N SER B 229 12.86 -6.13 22.07
CA SER B 229 13.96 -6.75 22.82
C SER B 229 15.31 -6.53 22.10
N THR B 230 15.31 -6.31 20.77
CA THR B 230 16.57 -6.20 19.97
C THR B 230 16.91 -4.73 19.69
N ASP B 231 18.19 -4.42 19.59
CA ASP B 231 18.68 -3.08 19.19
C ASP B 231 18.41 -2.92 17.69
N LEU B 232 18.55 -4.01 16.92
CA LEU B 232 18.49 -4.03 15.43
C LEU B 232 17.15 -3.45 14.95
N VAL B 233 16.03 -3.93 15.51
CA VAL B 233 14.67 -3.55 15.09
C VAL B 233 14.37 -2.16 15.66
N GLU B 234 14.81 -1.91 16.87
CA GLU B 234 14.59 -0.60 17.55
C GLU B 234 15.09 0.56 16.67
N ASP B 235 16.36 0.52 16.24
CA ASP B 235 17.02 1.62 15.49
CA ASP B 235 17.05 1.60 15.46
C ASP B 235 16.55 1.62 14.01
N LEU B 236 15.97 0.52 13.59
CA LEU B 236 15.42 0.38 12.21
C LEU B 236 14.16 1.23 12.09
N LEU B 237 13.42 1.42 13.19
CA LEU B 237 12.09 2.08 13.21
C LEU B 237 12.18 3.50 13.81
N THR B 238 13.33 3.90 14.36
CA THR B 238 13.51 5.25 15.01
C THR B 238 14.22 6.20 14.05
N GLU B 239 13.59 7.34 13.79
CA GLU B 239 14.13 8.46 12.95
C GLU B 239 15.19 9.24 13.75
N LYS B 258 12.65 10.20 24.49
CA LYS B 258 12.85 11.41 23.64
C LYS B 258 12.48 11.08 22.18
N LYS B 259 12.80 9.86 21.72
CA LYS B 259 12.61 9.42 20.32
C LYS B 259 11.39 8.47 20.21
N TRP B 260 10.52 8.74 19.24
CA TRP B 260 9.36 7.89 18.87
C TRP B 260 9.81 6.80 17.90
N SER B 261 8.96 5.80 17.66
CA SER B 261 9.21 4.67 16.73
C SER B 261 7.92 4.29 16.00
N LEU B 262 8.05 3.55 14.90
CA LEU B 262 6.88 3.10 14.11
C LEU B 262 6.09 2.07 14.92
N HIS B 263 6.78 1.35 15.82
CA HIS B 263 6.17 0.34 16.72
C HIS B 263 5.31 1.05 17.76
N LYS B 264 5.76 2.21 18.22
CA LYS B 264 5.01 3.01 19.21
C LYS B 264 3.71 3.50 18.58
N THR B 265 3.72 3.88 17.30
CA THR B 265 2.53 4.37 16.57
C THR B 265 1.50 3.23 16.47
N LEU B 266 1.93 2.04 16.10
CA LEU B 266 1.04 0.86 15.93
C LEU B 266 0.47 0.44 17.29
N THR B 267 1.29 0.55 18.35
CA THR B 267 0.92 0.12 19.71
C THR B 267 -0.18 1.03 20.26
N MET B 268 -0.27 2.27 19.78
CA MET B 268 -1.39 3.21 20.14
C MET B 268 -2.72 2.68 19.57
N PHE B 269 -2.76 2.32 18.30
CA PHE B 269 -3.98 1.77 17.64
C PHE B 269 -4.33 0.41 18.23
N LEU B 270 -3.32 -0.37 18.64
CA LEU B 270 -3.48 -1.67 19.33
C LEU B 270 -4.20 -1.44 20.64
N ALA B 271 -3.79 -0.42 21.40
CA ALA B 271 -4.22 -0.15 22.80
C ALA B 271 -5.67 0.33 22.83
N ILE B 272 -6.20 0.85 21.72
CA ILE B 272 -7.55 1.50 21.58
C ILE B 272 -8.65 0.60 22.18
N ILE B 273 -8.51 -0.71 22.07
CA ILE B 273 -9.53 -1.71 22.47
C ILE B 273 -9.79 -1.62 23.98
N GLY B 274 -8.86 -1.05 24.74
CA GLY B 274 -8.93 -0.98 26.22
C GLY B 274 -9.83 0.15 26.69
N PHE B 275 -10.08 1.14 25.84
CA PHE B 275 -10.93 2.33 26.13
C PHE B 275 -12.32 1.87 26.61
N LYS B 276 -12.84 2.50 27.66
CA LYS B 276 -14.18 2.19 28.26
C LYS B 276 -15.16 3.20 27.71
N SER B 277 -16.18 2.75 26.96
CA SER B 277 -17.19 3.66 26.35
C SER B 277 -18.61 3.12 26.52
N ASN B 278 -18.83 2.17 27.44
CA ASN B 278 -20.15 1.54 27.66
C ASN B 278 -21.11 2.57 28.28
N ASP B 279 -20.65 3.32 29.30
CA ASP B 279 -21.50 4.23 30.13
C ASP B 279 -21.82 5.52 29.35
N LYS B 280 -21.02 5.87 28.34
CA LYS B 280 -21.13 7.19 27.67
C LYS B 280 -22.14 7.11 26.51
N LYS B 281 -22.79 5.95 26.31
CA LYS B 281 -23.81 5.76 25.25
C LYS B 281 -25.06 6.62 25.58
N GLU B 282 -25.42 6.72 26.87
CA GLU B 282 -26.61 7.47 27.36
C GLU B 282 -26.54 8.93 26.87
N LYS B 283 -25.36 9.57 26.96
CA LYS B 283 -25.14 11.01 26.64
C LYS B 283 -24.65 11.17 25.19
N ASN B 284 -24.53 10.05 24.45
CA ASN B 284 -24.06 10.00 23.04
C ASN B 284 -22.60 10.53 22.96
N GLU B 285 -21.74 10.12 23.89
CA GLU B 285 -20.30 10.51 23.94
C GLU B 285 -19.40 9.27 23.72
N HIS B 286 -19.98 8.14 23.34
CA HIS B 286 -19.30 6.80 23.26
C HIS B 286 -18.24 6.77 22.14
N GLU B 287 -18.30 7.70 21.18
CA GLU B 287 -17.33 7.80 20.06
C GLU B 287 -16.45 9.06 20.23
N GLU B 288 -16.39 9.62 21.43
CA GLU B 288 -15.58 10.82 21.78
C GLU B 288 -14.10 10.54 21.52
N TRP B 289 -13.65 9.30 21.79
CA TRP B 289 -12.25 8.87 21.61
C TRP B 289 -11.88 8.90 20.12
N TYR B 290 -12.80 8.47 19.25
CA TYR B 290 -12.60 8.39 17.78
C TYR B 290 -12.48 9.81 17.22
N TYR B 291 -13.41 10.71 17.57
CA TYR B 291 -13.43 12.11 17.10
C TYR B 291 -12.24 12.86 17.75
N GLY B 292 -11.82 12.44 18.95
CA GLY B 292 -10.62 12.95 19.64
C GLY B 292 -9.34 12.64 18.86
N PHE B 293 -9.27 11.45 18.27
CA PHE B 293 -8.15 10.97 17.40
C PHE B 293 -8.10 11.82 16.12
N ILE B 294 -9.27 12.09 15.52
CA ILE B 294 -9.42 12.90 14.28
C ILE B 294 -8.90 14.32 14.54
N ASP B 295 -9.20 14.88 15.71
CA ASP B 295 -8.79 16.25 16.11
C ASP B 295 -7.28 16.23 16.45
N ALA B 296 -6.72 15.05 16.73
CA ALA B 296 -5.29 14.85 17.07
C ALA B 296 -4.48 14.54 15.79
N MET B 297 -5.15 14.38 14.66
CA MET B 297 -4.51 13.99 13.37
C MET B 297 -4.72 15.06 12.28
N LYS B 298 -5.63 16.02 12.47
CA LYS B 298 -5.98 17.04 11.44
C LYS B 298 -4.92 18.16 11.38
N ASN B 299 -3.93 18.18 12.28
CA ASN B 299 -3.10 19.39 12.56
C ASN B 299 -1.86 19.46 11.66
N ASP B 300 -1.27 18.31 11.31
CA ASP B 300 0.01 18.26 10.54
C ASP B 300 -0.22 17.53 9.22
N PRO B 301 0.50 17.89 8.13
CA PRO B 301 0.24 17.34 6.81
C PRO B 301 0.39 15.80 6.68
N ALA B 302 1.23 15.17 7.51
CA ALA B 302 1.48 13.70 7.50
C ALA B 302 0.24 12.95 8.01
N ASN B 303 -0.25 13.34 9.19
CA ASN B 303 -1.43 12.70 9.84
C ASN B 303 -2.71 13.09 9.09
N ARG B 304 -2.75 14.30 8.53
CA ARG B 304 -3.87 14.85 7.73
C ARG B 304 -4.06 13.94 6.52
N ALA B 305 -2.95 13.53 5.89
CA ALA B 305 -2.93 12.61 4.74
C ALA B 305 -3.40 11.23 5.19
N ALA B 306 -3.00 10.82 6.41
CA ALA B 306 -3.36 9.53 7.03
C ALA B 306 -4.88 9.48 7.28
N LEU B 307 -5.49 10.64 7.58
CA LEU B 307 -6.96 10.76 7.83
C LEU B 307 -7.75 10.44 6.56
N TYR B 308 -7.24 10.82 5.38
CA TYR B 308 -7.95 10.65 4.08
C TYR B 308 -8.04 9.15 3.73
N PHE B 309 -7.18 8.31 4.32
CA PHE B 309 -7.27 6.83 4.25
C PHE B 309 -8.43 6.33 5.12
N LEU B 310 -8.54 6.87 6.33
CA LEU B 310 -9.55 6.50 7.35
C LEU B 310 -10.97 6.83 6.84
N ASP B 311 -11.18 8.04 6.31
CA ASP B 311 -12.50 8.48 5.77
C ASP B 311 -12.30 9.62 4.78
N LYS B 312 -12.75 9.42 3.53
CA LYS B 312 -12.51 10.33 2.39
C LYS B 312 -13.32 11.62 2.57
N ASN B 313 -14.34 11.60 3.45
CA ASN B 313 -15.29 12.72 3.67
C ASN B 313 -15.07 13.32 5.07
N TRP B 314 -13.89 13.14 5.68
CA TRP B 314 -13.66 13.53 7.11
C TRP B 314 -13.76 15.05 7.29
N PRO B 315 -13.31 15.92 6.35
CA PRO B 315 -13.39 17.37 6.57
C PRO B 315 -14.85 17.88 6.57
N GLU B 316 -15.72 17.30 5.74
CA GLU B 316 -17.17 17.67 5.66
C GLU B 316 -17.90 17.19 6.92
N GLU B 317 -17.55 15.99 7.42
CA GLU B 317 -18.15 15.40 8.66
C GLU B 317 -17.71 16.21 9.87
N LEU B 318 -16.47 16.73 9.86
CA LEU B 318 -15.89 17.59 10.92
C LEU B 318 -16.68 18.91 11.03
N GLU B 319 -16.99 19.55 9.90
CA GLU B 319 -17.74 20.85 9.89
C GLU B 319 -19.19 20.60 10.32
N GLU B 320 -19.86 19.56 9.81
CA GLU B 320 -21.20 19.15 10.30
C GLU B 320 -21.15 19.09 11.83
N ARG B 321 -20.30 18.22 12.35
CA ARG B 321 -20.21 17.93 13.79
C ARG B 321 -20.06 19.24 14.57
N GLU B 322 -19.42 20.27 13.99
CA GLU B 322 -19.15 21.58 14.67
C GLU B 322 -20.31 22.55 14.44
N LYS B 323 -21.12 22.36 13.40
CA LYS B 323 -22.40 23.09 13.20
C LYS B 323 -23.36 22.71 14.33
N GLU B 324 -23.61 21.41 14.51
CA GLU B 324 -24.59 20.88 15.49
C GLU B 324 -24.12 21.22 16.91
N ARG B 325 -22.81 21.15 17.15
CA ARG B 325 -22.19 21.54 18.44
C ARG B 325 -22.56 22.99 18.76
N ASP B 326 -22.52 23.89 17.76
CA ASP B 326 -22.86 25.33 17.90
C ASP B 326 -24.38 25.51 18.03
N ARG B 327 -25.14 24.67 17.34
CA ARG B 327 -26.64 24.69 17.34
C ARG B 327 -27.17 24.32 18.75
N ILE B 328 -26.54 23.35 19.41
CA ILE B 328 -26.94 22.87 20.77
C ILE B 328 -26.57 23.95 21.80
N ARG B 329 -25.37 24.53 21.70
CA ARG B 329 -24.82 25.55 22.64
C ARG B 329 -25.79 26.74 22.75
N LEU B 330 -26.49 27.08 21.66
CA LEU B 330 -27.38 28.27 21.55
C LEU B 330 -28.68 28.04 22.33
N THR B 331 -29.28 26.85 22.21
CA THR B 331 -30.57 26.48 22.86
C THR B 331 -30.38 26.42 24.39
N LEU B 332 -29.16 26.13 24.86
CA LEU B 332 -28.80 25.90 26.28
C LEU B 332 -28.67 27.24 27.03
N LEU B 333 -28.27 28.31 26.33
CA LEU B 333 -28.08 29.67 26.91
C LEU B 333 -29.45 30.26 27.32
N LYS B 334 -30.48 30.06 26.50
CA LYS B 334 -31.86 30.58 26.72
C LYS B 334 -32.50 29.84 27.91
N SER B 335 -32.11 30.22 29.14
CA SER B 335 -32.57 29.62 30.43
C SER B 335 -32.53 30.68 31.54
#